data_4E5D
#
_entry.id   4E5D
#
_cell.length_a   83.939
_cell.length_b   83.939
_cell.length_c   96.976
_cell.angle_alpha   90.000
_cell.angle_beta   90.000
_cell.angle_gamma   90.000
#
_symmetry.space_group_name_H-M   'P 41'
#
loop_
_entity.id
_entity.type
_entity.pdbx_description
1 polymer 'Luciferin 4-monooxygenase'
2 non-polymer 2-(2-fluorophenyl)-6-methoxy-1,3-benzothiazole
3 water water
#
_entity_poly.entity_id   1
_entity_poly.type   'polypeptide(L)'
_entity_poly.pdbx_seq_one_letter_code
;MEDAKNIKKGPAPFYPLEDGTAGEQLHKAMKRYALVPGTIAFTDAHIEVNITYAEYFEMSVRLAEAMKRYGLNTNHRIVV
CSENSLQFFMPVLGALFIGVAVAPANDIYNERELLNSMNISQPTVVFVSKKGLQKILNVQKKLPIIQKIIIMDSKTDYQG
FQSMYTFVTSHLPPGFNEYDFVPESFDRDKTIALIMNSSGSTGLPKGVALPHRTACVRFSHARDPIFGNQIIPDTAILSV
VPFHHGFGMFTTLGYLICGFRVVLMYRFEEELFLRSLQDYKIQSALLVPTLFSFFAKSTLIDKYDLSNLHEIASGGAPLS
KEVGEAVAKRFHLPGIRQGYGLTETTSAILITPEGDDKPGAVGKVVPFFEAKVVDLDTGKTLGVNQRGELCVRGPMIMSG
YVNNPEATNALIDKDGWLHSGDIAYWDEDEHFFIVDRLKSLIKYKGYQVAPAELESILLQHPNIFDAGVAGLPDDDAGEL
PAAVVVLEHGKTMTEKEIVDYVASQVTTAKKLRGGVVFVDEVPKGLTGKLDARKIREILIKAKKGGKSKL
;
_entity_poly.pdbx_strand_id   A
#
loop_
_chem_comp.id
_chem_comp.type
_chem_comp.name
_chem_comp.formula
0NJ non-polymer 2-(2-fluorophenyl)-6-methoxy-1,3-benzothiazole 'C14 H10 F N O S'
#
# COMPACT_ATOMS: atom_id res chain seq x y z
N ASP A 3 14.03 30.42 -6.40
CA ASP A 3 14.29 30.01 -7.79
C ASP A 3 13.38 28.85 -8.20
N ALA A 4 12.16 29.19 -8.57
CA ALA A 4 11.12 28.21 -8.89
C ALA A 4 11.51 27.29 -10.03
N LYS A 5 12.47 27.70 -10.85
CA LYS A 5 12.86 26.85 -11.97
C LYS A 5 13.60 25.61 -11.48
N ASN A 6 14.18 25.69 -10.27
CA ASN A 6 14.89 24.56 -9.67
C ASN A 6 14.03 23.70 -8.69
N ILE A 7 12.73 24.00 -8.58
CA ILE A 7 11.77 23.16 -7.84
C ILE A 7 10.98 22.39 -8.89
N LYS A 8 11.17 21.08 -8.94
CA LYS A 8 10.48 20.24 -9.92
C LYS A 8 9.07 19.96 -9.43
N LYS A 9 8.09 20.20 -10.29
CA LYS A 9 6.69 20.06 -9.90
C LYS A 9 6.00 18.97 -10.70
N GLY A 10 5.08 18.23 -10.09
CA GLY A 10 4.30 17.25 -10.83
C GLY A 10 3.30 17.98 -11.74
N PRO A 11 2.92 17.35 -12.85
CA PRO A 11 1.85 17.97 -13.63
C PRO A 11 0.47 17.80 -12.97
N ALA A 12 -0.52 18.38 -13.63
CA ALA A 12 -1.91 18.21 -13.25
C ALA A 12 -2.30 16.75 -13.43
N PRO A 13 -3.06 16.22 -12.47
CA PRO A 13 -3.58 14.85 -12.55
C PRO A 13 -4.45 14.66 -13.75
N PHE A 14 -4.34 13.50 -14.41
CA PHE A 14 -5.13 13.23 -15.61
C PHE A 14 -6.60 13.45 -15.29
N TYR A 15 -7.03 12.85 -14.18
CA TYR A 15 -8.35 13.06 -13.62
C TYR A 15 -8.23 13.76 -12.26
N PRO A 16 -8.97 14.87 -12.09
CA PRO A 16 -8.85 15.73 -10.91
C PRO A 16 -9.12 14.97 -9.63
N LEU A 17 -8.52 15.44 -8.53
CA LEU A 17 -8.62 14.76 -7.25
C LEU A 17 -10.07 14.69 -6.78
N GLU A 18 -10.54 13.48 -6.53
CA GLU A 18 -11.92 13.22 -6.10
C GLU A 18 -12.15 13.65 -4.65
N ASP A 19 -13.35 14.15 -4.36
CA ASP A 19 -13.74 14.42 -2.99
C ASP A 19 -14.09 13.14 -2.27
N GLY A 20 -14.27 13.23 -0.95
CA GLY A 20 -14.62 12.06 -0.16
C GLY A 20 -13.44 11.46 0.60
N THR A 21 -13.77 10.69 1.63
CA THR A 21 -12.71 10.02 2.35
C THR A 21 -12.14 8.89 1.47
N ALA A 22 -11.02 8.31 1.90
CA ALA A 22 -10.46 7.09 1.27
C ALA A 22 -11.44 5.94 1.37
N GLY A 23 -12.12 5.82 2.52
CA GLY A 23 -13.16 4.81 2.67
C GLY A 23 -14.25 4.95 1.61
N GLU A 24 -14.71 6.18 1.41
CA GLU A 24 -15.83 6.44 0.52
C GLU A 24 -15.44 6.17 -0.92
N GLN A 25 -14.24 6.57 -1.30
CA GLN A 25 -13.78 6.32 -2.67
C GLN A 25 -13.57 4.80 -2.92
N LEU A 26 -13.02 4.06 -1.95
CA LEU A 26 -12.90 2.61 -2.11
C LEU A 26 -14.30 1.95 -2.18
N HIS A 27 -15.22 2.42 -1.34
CA HIS A 27 -16.58 1.86 -1.28
C HIS A 27 -17.27 2.05 -2.62
N LYS A 28 -17.24 3.27 -3.15
CA LYS A 28 -17.87 3.61 -4.42
C LYS A 28 -17.32 2.78 -5.63
N ALA A 29 -16.00 2.64 -5.70
CA ALA A 29 -15.40 1.92 -6.82
C ALA A 29 -15.72 0.41 -6.70
N MET A 30 -15.52 -0.11 -5.51
CA MET A 30 -15.74 -1.51 -5.26
C MET A 30 -17.20 -1.91 -5.41
N LYS A 31 -18.11 -1.02 -5.04
CA LYS A 31 -19.54 -1.30 -5.22
C LYS A 31 -19.87 -1.58 -6.70
N ARG A 32 -19.32 -0.76 -7.58
CA ARG A 32 -19.51 -0.92 -9.03
C ARG A 32 -18.99 -2.30 -9.51
N TYR A 33 -17.84 -2.73 -9.00
CA TYR A 33 -17.23 -3.95 -9.52
C TYR A 33 -18.00 -5.13 -8.99
N ALA A 34 -18.52 -4.99 -7.78
CA ALA A 34 -19.32 -5.99 -7.10
C ALA A 34 -20.55 -6.33 -7.92
N LEU A 35 -21.04 -5.36 -8.67
CA LEU A 35 -22.27 -5.54 -9.45
C LEU A 35 -22.03 -6.33 -10.71
N VAL A 36 -20.76 -6.61 -11.00
CA VAL A 36 -20.44 -7.46 -12.16
C VAL A 36 -19.93 -8.81 -11.66
N PRO A 37 -20.78 -9.84 -11.72
CA PRO A 37 -20.42 -11.14 -11.13
C PRO A 37 -19.15 -11.75 -11.77
N GLY A 38 -18.31 -12.34 -10.94
CA GLY A 38 -17.13 -13.00 -11.45
C GLY A 38 -15.98 -12.05 -11.64
N THR A 39 -16.13 -10.78 -11.29
CA THR A 39 -14.99 -9.88 -11.33
C THR A 39 -14.02 -10.25 -10.19
N ILE A 40 -12.79 -10.64 -10.54
CA ILE A 40 -11.87 -11.14 -9.51
C ILE A 40 -11.04 -10.04 -8.86
N ALA A 41 -11.08 -10.00 -7.53
CA ALA A 41 -10.31 -9.03 -6.73
C ALA A 41 -8.94 -9.59 -6.30
N PHE A 42 -8.92 -10.75 -5.67
CA PHE A 42 -7.69 -11.37 -5.19
C PHE A 42 -7.67 -12.84 -5.59
N THR A 43 -6.46 -13.33 -5.79
CA THR A 43 -6.22 -14.71 -6.18
C THR A 43 -5.06 -15.16 -5.33
N ASP A 44 -5.25 -16.21 -4.54
CA ASP A 44 -4.15 -16.74 -3.75
C ASP A 44 -3.42 -17.76 -4.64
N ALA A 45 -2.21 -17.42 -5.06
CA ALA A 45 -1.44 -18.32 -5.96
C ALA A 45 -1.07 -19.67 -5.36
N HIS A 46 -0.87 -19.74 -4.04
CA HIS A 46 -0.51 -21.01 -3.40
C HIS A 46 -1.69 -22.02 -3.33
N ILE A 47 -2.87 -21.54 -2.94
CA ILE A 47 -4.05 -22.41 -2.78
C ILE A 47 -5.00 -22.30 -3.97
N GLU A 48 -4.76 -21.30 -4.83
CA GLU A 48 -5.42 -21.21 -6.14
C GLU A 48 -6.86 -20.67 -6.08
N VAL A 49 -7.27 -20.23 -4.89
CA VAL A 49 -8.63 -19.71 -4.67
C VAL A 49 -8.78 -18.27 -5.11
N ASN A 50 -9.84 -18.00 -5.86
CA ASN A 50 -10.25 -16.64 -6.23
C ASN A 50 -11.32 -16.05 -5.34
N ILE A 51 -11.21 -14.77 -5.05
CA ILE A 51 -12.32 -14.05 -4.44
C ILE A 51 -12.75 -12.85 -5.30
N THR A 52 -14.05 -12.80 -5.57
CA THR A 52 -14.61 -11.76 -6.44
C THR A 52 -14.85 -10.41 -5.71
N TYR A 53 -15.05 -9.36 -6.49
CA TYR A 53 -15.38 -8.07 -5.91
C TYR A 53 -16.70 -8.07 -5.11
N ALA A 54 -17.71 -8.81 -5.57
CA ALA A 54 -18.99 -8.90 -4.82
C ALA A 54 -18.75 -9.50 -3.43
N GLU A 55 -18.00 -10.59 -3.40
CA GLU A 55 -17.66 -11.18 -2.12
C GLU A 55 -16.88 -10.20 -1.28
N TYR A 56 -15.92 -9.50 -1.90
CA TYR A 56 -15.01 -8.67 -1.10
C TYR A 56 -15.78 -7.46 -0.51
N PHE A 57 -16.59 -6.87 -1.36
CA PHE A 57 -17.38 -5.70 -1.04
C PHE A 57 -18.37 -5.98 0.07
N GLU A 58 -19.04 -7.11 -0.03
CA GLU A 58 -20.08 -7.44 0.94
C GLU A 58 -19.47 -7.71 2.29
N MET A 59 -18.39 -8.48 2.31
CA MET A 59 -17.76 -8.84 3.57
C MET A 59 -17.11 -7.62 4.24
N SER A 60 -16.53 -6.71 3.44
CA SER A 60 -15.94 -5.48 3.98
C SER A 60 -17.01 -4.58 4.62
N VAL A 61 -18.10 -4.40 3.89
CA VAL A 61 -19.24 -3.65 4.38
C VAL A 61 -19.84 -4.31 5.66
N ARG A 62 -19.96 -5.63 5.67
CA ARG A 62 -20.44 -6.31 6.88
C ARG A 62 -19.51 -6.08 8.06
N LEU A 63 -18.19 -6.11 7.82
CA LEU A 63 -17.23 -5.88 8.89
C LEU A 63 -17.26 -4.45 9.41
N ALA A 64 -17.38 -3.50 8.50
CA ALA A 64 -17.53 -2.09 8.86
C ALA A 64 -18.74 -1.92 9.80
N GLU A 65 -19.87 -2.50 9.42
CA GLU A 65 -21.09 -2.31 10.22
C GLU A 65 -20.95 -3.05 11.55
N ALA A 66 -20.42 -4.26 11.52
CA ALA A 66 -20.25 -5.03 12.74
C ALA A 66 -19.32 -4.27 13.72
N MET A 67 -18.21 -3.76 13.19
CA MET A 67 -17.26 -2.98 14.01
C MET A 67 -17.93 -1.75 14.63
N LYS A 68 -18.76 -1.07 13.83
CA LYS A 68 -19.51 0.10 14.31
C LYS A 68 -20.47 -0.30 15.44
N ARG A 69 -21.25 -1.35 15.24
CA ARG A 69 -22.17 -1.80 16.29
C ARG A 69 -21.42 -2.30 17.51
N TYR A 70 -20.21 -2.84 17.31
CA TYR A 70 -19.42 -3.30 18.44
C TYR A 70 -19.03 -2.07 19.28
N GLY A 71 -18.94 -0.91 18.63
CA GLY A 71 -18.65 0.33 19.34
C GLY A 71 -17.37 1.05 18.89
N LEU A 72 -16.73 0.56 17.84
CA LEU A 72 -15.59 1.26 17.25
C LEU A 72 -16.03 2.50 16.47
N ASN A 73 -15.18 3.54 16.51
CA ASN A 73 -15.40 4.85 15.87
C ASN A 73 -14.03 5.54 15.70
N THR A 74 -13.99 6.82 15.32
CA THR A 74 -12.71 7.49 14.99
C THR A 74 -11.75 7.67 16.16
N ASN A 75 -12.22 7.44 17.37
CA ASN A 75 -11.32 7.42 18.51
C ASN A 75 -10.58 6.10 18.70
N HIS A 76 -10.82 5.14 17.80
CA HIS A 76 -10.25 3.80 17.94
C HIS A 76 -9.29 3.45 16.81
N ARG A 77 -8.40 2.51 17.11
CA ARG A 77 -7.52 1.91 16.13
C ARG A 77 -7.66 0.39 16.19
N ILE A 78 -7.41 -0.26 15.05
CA ILE A 78 -7.28 -1.70 14.99
C ILE A 78 -5.90 -2.06 14.43
N VAL A 79 -5.42 -3.25 14.79
CA VAL A 79 -4.20 -3.78 14.21
C VAL A 79 -4.64 -4.87 13.28
N VAL A 80 -3.96 -4.97 12.14
CA VAL A 80 -4.14 -6.11 11.26
C VAL A 80 -2.78 -6.83 11.12
N CYS A 81 -2.68 -8.08 11.60
CA CYS A 81 -1.41 -8.82 11.66
C CYS A 81 -1.51 -10.15 10.94
N SER A 82 -0.90 -10.23 9.76
CA SER A 82 -1.09 -11.41 8.90
C SER A 82 -0.17 -11.38 7.71
N GLU A 83 0.36 -12.56 7.37
CA GLU A 83 0.95 -12.83 6.07
C GLU A 83 -0.03 -12.34 4.99
N ASN A 84 0.44 -12.05 3.78
CA ASN A 84 -0.50 -11.76 2.68
C ASN A 84 -1.50 -12.90 2.54
N SER A 85 -2.76 -12.58 2.27
CA SER A 85 -3.78 -13.61 2.18
C SER A 85 -4.99 -12.97 1.52
N LEU A 86 -5.97 -13.80 1.19
CA LEU A 86 -7.24 -13.34 0.62
C LEU A 86 -8.01 -12.43 1.56
N GLN A 87 -7.82 -12.65 2.86
CA GLN A 87 -8.58 -11.95 3.91
C GLN A 87 -7.92 -10.66 4.38
N PHE A 88 -6.65 -10.45 4.03
CA PHE A 88 -5.90 -9.35 4.61
C PHE A 88 -6.65 -8.03 4.51
N PHE A 89 -7.18 -7.73 3.34
CA PHE A 89 -7.83 -6.41 3.16
C PHE A 89 -9.27 -6.19 3.66
N MET A 90 -9.95 -7.27 4.05
CA MET A 90 -11.31 -7.16 4.62
C MET A 90 -11.42 -6.22 5.83
N PRO A 91 -10.61 -6.44 6.86
CA PRO A 91 -10.65 -5.48 7.97
C PRO A 91 -10.01 -4.10 7.63
N VAL A 92 -9.09 -4.07 6.67
CA VAL A 92 -8.54 -2.79 6.30
C VAL A 92 -9.67 -1.95 5.69
N LEU A 93 -10.40 -2.52 4.72
CA LEU A 93 -11.47 -1.80 4.06
C LEU A 93 -12.60 -1.44 5.04
N GLY A 94 -13.01 -2.39 5.87
CA GLY A 94 -14.11 -2.15 6.79
C GLY A 94 -13.80 -1.01 7.73
N ALA A 95 -12.57 -0.95 8.23
CA ALA A 95 -12.12 0.15 9.08
C ALA A 95 -12.10 1.52 8.37
N LEU A 96 -11.54 1.58 7.16
CA LEU A 96 -11.54 2.83 6.40
C LEU A 96 -12.97 3.31 6.07
N PHE A 97 -13.90 2.38 5.93
CA PHE A 97 -15.29 2.71 5.71
C PHE A 97 -15.87 3.47 6.93
N ILE A 98 -15.29 3.29 8.10
CA ILE A 98 -15.83 3.94 9.29
C ILE A 98 -14.83 4.85 10.03
N GLY A 99 -13.71 5.20 9.39
CA GLY A 99 -12.76 6.14 9.97
C GLY A 99 -12.04 5.58 11.16
N VAL A 100 -11.99 4.25 11.26
CA VAL A 100 -11.14 3.59 12.26
C VAL A 100 -9.70 3.41 11.68
N ALA A 101 -8.72 3.90 12.40
CA ALA A 101 -7.34 3.85 11.87
C ALA A 101 -6.79 2.43 11.89
N VAL A 102 -6.11 2.06 10.81
CA VAL A 102 -5.53 0.73 10.66
C VAL A 102 -4.02 0.72 10.87
N ALA A 103 -3.57 -0.19 11.72
CA ALA A 103 -2.14 -0.34 11.98
C ALA A 103 -1.67 -1.76 11.57
N PRO A 104 -1.07 -1.86 10.38
CA PRO A 104 -0.58 -3.15 9.95
C PRO A 104 0.65 -3.50 10.76
N ALA A 105 0.68 -4.68 11.37
CA ALA A 105 1.88 -5.14 12.07
C ALA A 105 2.53 -6.23 11.25
N ASN A 106 3.77 -5.95 10.83
CA ASN A 106 4.67 -6.95 10.26
C ASN A 106 4.54 -8.32 10.98
N ASP A 107 4.14 -9.33 10.22
CA ASP A 107 3.83 -10.66 10.77
C ASP A 107 5.06 -11.57 11.02
N ILE A 108 6.29 -11.12 10.73
CA ILE A 108 7.46 -11.85 11.22
C ILE A 108 8.12 -11.16 12.43
N TYR A 109 7.64 -9.96 12.79
CA TYR A 109 8.01 -9.37 14.09
C TYR A 109 7.82 -10.43 15.18
N ASN A 110 8.78 -10.56 16.10
CA ASN A 110 8.60 -11.41 17.27
C ASN A 110 7.78 -10.65 18.30
N GLU A 111 7.56 -11.25 19.47
CA GLU A 111 6.80 -10.62 20.55
C GLU A 111 7.30 -9.21 20.95
N ARG A 112 8.62 -9.02 20.91
CA ARG A 112 9.22 -7.78 21.38
C ARG A 112 8.97 -6.66 20.38
N GLU A 113 9.15 -6.97 19.11
CA GLU A 113 8.92 -6.02 18.03
C GLU A 113 7.45 -5.68 17.87
N LEU A 114 6.62 -6.70 18.00
CA LEU A 114 5.19 -6.56 17.99
C LEU A 114 4.73 -5.64 19.10
N LEU A 115 5.29 -5.82 20.30
CA LEU A 115 4.82 -5.05 21.44
C LEU A 115 5.14 -3.59 21.21
N ASN A 116 6.30 -3.33 20.62
CA ASN A 116 6.71 -1.95 20.44
C ASN A 116 5.85 -1.31 19.38
N SER A 117 5.60 -2.05 18.30
CA SER A 117 4.68 -1.59 17.29
C SER A 117 3.30 -1.27 17.88
N MET A 118 2.70 -2.19 18.63
CA MET A 118 1.34 -2.01 19.12
C MET A 118 1.26 -1.10 20.34
N ASN A 119 2.39 -0.85 20.97
CA ASN A 119 2.42 0.10 22.06
C ASN A 119 2.31 1.52 21.49
N ILE A 120 2.74 1.70 20.25
CA ILE A 120 2.57 2.99 19.57
C ILE A 120 1.17 3.13 18.98
N SER A 121 0.67 2.06 18.38
CA SER A 121 -0.63 2.13 17.70
C SER A 121 -1.83 2.04 18.67
N GLN A 122 -1.67 1.34 19.80
CA GLN A 122 -2.69 1.20 20.86
C GLN A 122 -4.06 0.78 20.32
N PRO A 123 -4.14 -0.42 19.72
CA PRO A 123 -5.39 -0.87 19.09
C PRO A 123 -6.34 -1.42 20.13
N THR A 124 -7.63 -1.34 19.86
CA THR A 124 -8.65 -1.86 20.77
C THR A 124 -9.02 -3.29 20.37
N VAL A 125 -9.04 -3.51 19.06
CA VAL A 125 -9.28 -4.81 18.42
C VAL A 125 -8.07 -5.19 17.54
N VAL A 126 -7.66 -6.46 17.61
CA VAL A 126 -6.60 -7.01 16.73
C VAL A 126 -7.16 -8.12 15.84
N PHE A 127 -7.02 -7.93 14.52
CA PHE A 127 -7.27 -9.00 13.57
C PHE A 127 -5.94 -9.73 13.29
N VAL A 128 -5.99 -11.05 13.34
CA VAL A 128 -4.77 -11.83 13.19
C VAL A 128 -5.07 -13.15 12.46
N SER A 129 -4.10 -13.62 11.67
CA SER A 129 -4.14 -14.97 11.09
C SER A 129 -3.91 -16.01 12.21
N LYS A 130 -4.38 -17.23 11.99
CA LYS A 130 -4.20 -18.32 12.98
C LYS A 130 -2.76 -18.39 13.50
N LYS A 131 -1.78 -18.24 12.58
CA LYS A 131 -0.37 -18.45 12.92
C LYS A 131 0.24 -17.32 13.72
N GLY A 132 -0.46 -16.20 13.80
CA GLY A 132 -0.03 -15.10 14.63
C GLY A 132 -0.73 -15.02 15.99
N LEU A 133 -1.70 -15.89 16.25
CA LEU A 133 -2.56 -15.80 17.44
C LEU A 133 -1.75 -15.83 18.74
N GLN A 134 -0.78 -16.74 18.82
CA GLN A 134 0.06 -16.89 20.02
C GLN A 134 0.84 -15.61 20.36
N LYS A 135 1.50 -15.00 19.36
CA LYS A 135 2.24 -13.76 19.62
C LYS A 135 1.28 -12.70 20.15
N ILE A 136 0.13 -12.56 19.52
CA ILE A 136 -0.85 -11.56 19.94
C ILE A 136 -1.33 -11.85 21.36
N LEU A 137 -1.56 -13.12 21.67
CA LEU A 137 -1.96 -13.45 23.05
C LEU A 137 -0.87 -13.05 24.05
N ASN A 138 0.39 -13.22 23.66
CA ASN A 138 1.48 -12.88 24.57
C ASN A 138 1.62 -11.35 24.70
N VAL A 139 1.34 -10.62 23.62
CA VAL A 139 1.37 -9.16 23.67
C VAL A 139 0.16 -8.57 24.44
N GLN A 140 -1.00 -9.21 24.35
CA GLN A 140 -2.20 -8.72 25.00
C GLN A 140 -2.00 -8.63 26.50
N LYS A 141 -1.28 -9.61 27.04
CA LYS A 141 -0.80 -9.60 28.43
C LYS A 141 -0.13 -8.31 28.91
N LYS A 142 0.58 -7.63 28.03
CA LYS A 142 1.24 -6.41 28.48
C LYS A 142 0.52 -5.17 27.97
N LEU A 143 -0.49 -5.36 27.12
CA LEU A 143 -1.25 -4.22 26.59
C LEU A 143 -2.72 -4.49 26.75
N PRO A 144 -3.25 -4.33 27.96
CA PRO A 144 -4.66 -4.66 28.20
C PRO A 144 -5.66 -3.86 27.35
N ILE A 145 -5.21 -2.75 26.74
CA ILE A 145 -6.09 -2.01 25.82
C ILE A 145 -6.66 -2.88 24.69
N ILE A 146 -5.94 -3.93 24.33
CA ILE A 146 -6.47 -4.92 23.41
C ILE A 146 -7.62 -5.71 24.09
N GLN A 147 -8.87 -5.37 23.76
CA GLN A 147 -10.10 -5.99 24.31
C GLN A 147 -10.56 -7.22 23.55
N LYS A 148 -10.16 -7.30 22.28
CA LYS A 148 -10.73 -8.29 21.40
C LYS A 148 -9.74 -8.69 20.30
N ILE A 149 -9.63 -9.99 20.12
CA ILE A 149 -8.85 -10.60 19.07
C ILE A 149 -9.77 -11.39 18.16
N ILE A 150 -9.71 -11.08 16.87
CA ILE A 150 -10.50 -11.71 15.86
C ILE A 150 -9.62 -12.43 14.82
N ILE A 151 -10.03 -13.65 14.47
CA ILE A 151 -9.27 -14.51 13.58
C ILE A 151 -9.67 -14.35 12.09
N MET A 152 -8.66 -14.05 11.28
CA MET A 152 -8.86 -13.67 9.88
C MET A 152 -9.08 -14.85 8.94
N ASP A 153 -8.23 -15.85 9.05
CA ASP A 153 -8.26 -16.91 8.04
C ASP A 153 -8.98 -18.17 8.54
N SER A 154 -10.09 -17.96 9.21
CA SER A 154 -10.95 -19.05 9.69
C SER A 154 -12.39 -18.72 9.31
N LYS A 155 -13.18 -19.75 9.06
CA LYS A 155 -14.62 -19.56 8.83
C LYS A 155 -15.40 -19.56 10.16
N THR A 156 -15.15 -20.59 10.95
CA THR A 156 -15.73 -20.77 12.30
C THR A 156 -14.85 -20.11 13.37
N ASP A 157 -15.33 -20.09 14.60
CA ASP A 157 -14.48 -19.70 15.72
C ASP A 157 -13.23 -20.58 15.68
N TYR A 158 -12.17 -20.10 16.28
CA TYR A 158 -10.89 -20.79 16.28
C TYR A 158 -10.26 -20.65 17.65
N GLN A 159 -10.08 -21.79 18.32
CA GLN A 159 -9.50 -21.84 19.65
C GLN A 159 -10.15 -20.87 20.62
N GLY A 160 -11.48 -20.78 20.55
CA GLY A 160 -12.22 -19.94 21.47
C GLY A 160 -12.35 -18.47 21.06
N PHE A 161 -11.74 -18.09 19.93
CA PHE A 161 -11.85 -16.73 19.40
C PHE A 161 -12.77 -16.68 18.20
N GLN A 162 -13.46 -15.56 18.03
CA GLN A 162 -14.34 -15.38 16.88
C GLN A 162 -13.53 -15.14 15.62
N SER A 163 -14.04 -15.65 14.50
CA SER A 163 -13.51 -15.30 13.19
C SER A 163 -14.21 -14.04 12.76
N MET A 164 -13.81 -13.53 11.60
CA MET A 164 -14.40 -12.33 11.05
C MET A 164 -15.85 -12.64 10.71
N TYR A 165 -16.12 -13.86 10.26
CA TYR A 165 -17.49 -14.27 9.92
C TYR A 165 -18.42 -14.38 11.12
N THR A 166 -17.98 -15.00 12.21
CA THR A 166 -18.88 -15.14 13.38
C THR A 166 -18.92 -13.85 14.18
N PHE A 167 -17.86 -13.05 14.10
CA PHE A 167 -17.92 -11.72 14.68
C PHE A 167 -19.02 -10.90 13.99
N VAL A 168 -19.04 -10.96 12.67
CA VAL A 168 -20.00 -10.19 11.89
C VAL A 168 -21.45 -10.61 12.27
N THR A 169 -21.71 -11.90 12.18
CA THR A 169 -22.98 -12.51 12.60
C THR A 169 -23.46 -12.15 14.01
N SER A 170 -22.52 -11.93 14.93
CA SER A 170 -22.82 -11.54 16.33
C SER A 170 -23.30 -10.12 16.42
N HIS A 171 -22.97 -9.31 15.41
CA HIS A 171 -23.20 -7.87 15.53
C HIS A 171 -24.09 -7.20 14.47
N LEU A 172 -24.35 -7.85 13.36
CA LEU A 172 -25.14 -7.18 12.34
C LEU A 172 -26.60 -7.06 12.79
N PRO A 173 -27.25 -5.93 12.48
CA PRO A 173 -28.68 -5.86 12.78
C PRO A 173 -29.42 -6.79 11.86
N PRO A 174 -30.65 -7.15 12.25
CA PRO A 174 -31.54 -7.90 11.36
C PRO A 174 -31.79 -7.13 10.06
N GLY A 175 -31.75 -7.82 8.93
CA GLY A 175 -32.17 -7.19 7.69
C GLY A 175 -31.09 -6.28 7.16
N PHE A 176 -29.87 -6.40 7.72
CA PHE A 176 -28.75 -5.60 7.21
C PHE A 176 -28.61 -5.77 5.71
N ASN A 177 -28.56 -4.65 5.01
CA ASN A 177 -28.35 -4.65 3.57
C ASN A 177 -27.00 -4.00 3.15
N GLU A 178 -26.13 -4.81 2.54
CA GLU A 178 -24.76 -4.37 2.19
C GLU A 178 -24.76 -3.27 1.14
N TYR A 179 -25.78 -3.28 0.29
CA TYR A 179 -25.90 -2.31 -0.80
C TYR A 179 -26.64 -1.02 -0.42
N ASP A 180 -27.29 -0.99 0.76
CA ASP A 180 -27.87 0.24 1.32
C ASP A 180 -26.83 0.95 2.21
N PHE A 181 -25.85 0.21 2.69
CA PHE A 181 -24.87 0.78 3.63
C PHE A 181 -24.17 2.02 3.02
N VAL A 182 -23.97 3.01 3.87
CA VAL A 182 -23.27 4.22 3.49
C VAL A 182 -22.08 4.39 4.44
N PRO A 183 -20.87 4.56 3.88
CA PRO A 183 -19.67 4.74 4.69
C PRO A 183 -19.68 6.09 5.40
N GLU A 184 -18.93 6.17 6.49
CA GLU A 184 -18.83 7.37 7.28
C GLU A 184 -18.11 8.48 6.51
N SER A 185 -18.65 9.68 6.68
CA SER A 185 -18.05 10.88 6.15
C SER A 185 -17.38 11.60 7.33
N PHE A 186 -16.17 12.12 7.11
CA PHE A 186 -15.42 12.81 8.14
C PHE A 186 -14.34 13.67 7.47
N ASP A 187 -13.59 14.41 8.28
CA ASP A 187 -12.52 15.30 7.80
C ASP A 187 -11.31 14.42 7.41
N ARG A 188 -10.99 14.44 6.13
CA ARG A 188 -10.06 13.46 5.60
C ARG A 188 -8.61 13.89 5.87
N ASP A 189 -8.44 15.15 6.29
CA ASP A 189 -7.14 15.66 6.70
C ASP A 189 -6.87 15.37 8.15
N LYS A 190 -7.91 15.40 8.99
CA LYS A 190 -7.75 15.18 10.45
C LYS A 190 -7.93 13.71 10.85
N THR A 191 -8.57 12.92 10.00
CA THR A 191 -8.85 11.51 10.36
C THR A 191 -7.77 10.59 9.77
N ILE A 192 -7.07 9.89 10.65
CA ILE A 192 -6.02 8.95 10.25
C ILE A 192 -6.59 7.65 9.64
N ALA A 193 -6.08 7.33 8.46
CA ALA A 193 -6.40 6.10 7.73
C ALA A 193 -5.50 4.95 8.17
N LEU A 194 -4.18 5.14 7.99
CA LEU A 194 -3.16 4.14 8.27
C LEU A 194 -2.10 4.67 9.27
N ILE A 195 -1.68 3.77 10.16
CA ILE A 195 -0.53 3.99 11.01
C ILE A 195 0.52 2.93 10.59
N MET A 196 1.54 3.34 9.85
CA MET A 196 2.50 2.42 9.26
C MET A 196 3.76 2.38 10.10
N ASN A 197 4.48 1.29 10.09
CA ASN A 197 5.71 1.31 10.88
C ASN A 197 6.91 1.80 10.06
N SER A 198 7.78 2.56 10.69
CA SER A 198 9.04 2.92 10.04
C SER A 198 10.15 2.74 11.04
N LEU A 204 14.44 2.77 17.28
CA LEU A 204 13.42 1.73 17.10
C LEU A 204 12.39 2.19 16.08
N PRO A 205 11.55 1.25 15.61
CA PRO A 205 10.45 1.71 14.75
C PRO A 205 9.58 2.78 15.41
N LYS A 206 9.04 3.62 14.52
CA LYS A 206 8.09 4.65 14.87
C LYS A 206 6.80 4.38 14.14
N GLY A 207 5.76 5.12 14.51
CA GLY A 207 4.48 4.98 13.86
C GLY A 207 4.20 6.14 12.94
N VAL A 208 3.81 5.86 11.70
CA VAL A 208 3.66 6.90 10.70
C VAL A 208 2.17 7.08 10.48
N ALA A 209 1.68 8.24 10.91
CA ALA A 209 0.27 8.55 10.80
C ALA A 209 -0.05 9.15 9.44
N LEU A 210 -0.95 8.50 8.71
CA LEU A 210 -1.30 8.93 7.37
C LEU A 210 -2.79 9.22 7.33
N PRO A 211 -3.15 10.51 7.29
CA PRO A 211 -4.56 10.91 7.11
C PRO A 211 -5.14 10.29 5.87
N HIS A 212 -6.45 10.16 5.84
CA HIS A 212 -7.14 9.68 4.67
C HIS A 212 -6.74 10.39 3.39
N ARG A 213 -6.38 11.67 3.51
CA ARG A 213 -6.08 12.51 2.35
C ARG A 213 -4.94 11.91 1.53
N THR A 214 -3.97 11.30 2.20
CA THR A 214 -2.78 10.81 1.50
C THR A 214 -3.14 9.64 0.57
N ALA A 215 -4.06 8.80 1.04
CA ALA A 215 -4.61 7.70 0.26
C ALA A 215 -5.44 8.19 -0.93
N CYS A 216 -6.31 9.18 -0.72
CA CYS A 216 -7.09 9.72 -1.84
C CYS A 216 -6.18 10.23 -2.98
N VAL A 217 -5.05 10.83 -2.63
CA VAL A 217 -4.09 11.32 -3.61
C VAL A 217 -3.41 10.14 -4.29
N ARG A 218 -3.12 9.12 -3.49
CA ARG A 218 -2.60 7.89 -4.05
C ARG A 218 -3.59 7.34 -5.07
N PHE A 219 -4.90 7.45 -4.80
CA PHE A 219 -5.84 6.86 -5.74
C PHE A 219 -5.93 7.68 -7.05
N SER A 220 -5.51 8.94 -7.01
CA SER A 220 -5.43 9.70 -8.25
C SER A 220 -4.26 9.20 -9.08
N HIS A 221 -3.10 9.03 -8.42
CA HIS A 221 -1.91 8.46 -9.08
C HIS A 221 -2.13 7.07 -9.65
N ALA A 222 -2.85 6.22 -8.91
CA ALA A 222 -3.02 4.82 -9.25
C ALA A 222 -3.69 4.60 -10.60
N ARG A 223 -4.69 5.40 -10.89
CA ARG A 223 -5.42 5.25 -12.13
C ARG A 223 -4.92 6.26 -13.20
N ASP A 224 -3.90 7.04 -12.88
CA ASP A 224 -3.28 7.98 -13.84
C ASP A 224 -2.57 7.21 -14.98
N PRO A 225 -2.94 7.48 -16.25
CA PRO A 225 -2.34 6.76 -17.37
C PRO A 225 -0.83 7.03 -17.50
N ILE A 226 -0.34 8.13 -16.93
CA ILE A 226 1.09 8.40 -16.95
C ILE A 226 1.80 7.91 -15.68
N PHE A 227 1.21 8.15 -14.52
CA PHE A 227 1.90 7.91 -13.26
C PHE A 227 1.41 6.66 -12.55
N GLY A 228 0.46 5.97 -13.16
CA GLY A 228 -0.16 4.80 -12.55
C GLY A 228 -0.35 3.70 -13.57
N ASN A 229 -1.49 3.02 -13.51
CA ASN A 229 -1.86 2.03 -14.49
C ASN A 229 -3.21 2.43 -15.10
N GLN A 230 -3.26 2.43 -16.41
CA GLN A 230 -4.47 2.72 -17.12
C GLN A 230 -5.51 1.67 -16.71
N ILE A 231 -6.73 2.10 -16.46
CA ILE A 231 -7.78 1.15 -16.13
C ILE A 231 -8.22 0.40 -17.40
N ILE A 232 -7.66 -0.79 -17.60
CA ILE A 232 -8.07 -1.67 -18.66
C ILE A 232 -8.67 -2.98 -18.09
N PRO A 233 -9.70 -3.49 -18.74
CA PRO A 233 -10.34 -4.71 -18.23
C PRO A 233 -9.45 -5.96 -18.27
N ASP A 234 -9.63 -6.82 -17.27
CA ASP A 234 -8.93 -8.08 -17.17
C ASP A 234 -7.43 -7.87 -16.92
N THR A 235 -7.12 -6.71 -16.35
CA THR A 235 -5.79 -6.46 -15.88
C THR A 235 -5.53 -7.25 -14.59
N ALA A 236 -4.40 -7.97 -14.59
CA ALA A 236 -3.95 -8.73 -13.44
C ALA A 236 -2.51 -8.37 -13.05
N ILE A 237 -2.32 -8.25 -11.74
CA ILE A 237 -1.06 -7.90 -11.13
C ILE A 237 -0.58 -9.08 -10.32
N LEU A 238 0.74 -9.30 -10.27
CA LEU A 238 1.27 -10.32 -9.38
C LEU A 238 2.07 -9.60 -8.34
N SER A 239 1.71 -9.83 -7.09
CA SER A 239 2.34 -9.11 -5.98
C SER A 239 2.84 -10.01 -4.85
N VAL A 240 4.15 -10.02 -4.65
CA VAL A 240 4.80 -10.76 -3.55
C VAL A 240 5.17 -9.81 -2.40
N VAL A 241 4.84 -8.52 -2.57
CA VAL A 241 5.19 -7.48 -1.62
C VAL A 241 4.32 -7.59 -0.35
N PRO A 242 4.91 -7.43 0.83
CA PRO A 242 4.15 -7.44 2.09
C PRO A 242 3.05 -6.36 2.12
N PHE A 243 1.81 -6.78 2.41
CA PHE A 243 0.65 -5.89 2.46
C PHE A 243 0.71 -4.89 3.62
N HIS A 244 1.48 -5.24 4.66
CA HIS A 244 1.67 -4.39 5.83
C HIS A 244 2.76 -3.31 5.62
N HIS A 245 3.43 -3.34 4.47
CA HIS A 245 4.41 -2.33 4.16
C HIS A 245 3.77 -1.39 3.12
N GLY A 246 4.19 -0.13 3.12
CA GLY A 246 3.55 0.88 2.29
C GLY A 246 3.53 0.54 0.81
N PHE A 247 4.63 -0.03 0.31
CA PHE A 247 4.68 -0.51 -1.07
C PHE A 247 3.53 -1.47 -1.38
N GLY A 248 3.28 -2.44 -0.50
CA GLY A 248 2.21 -3.38 -0.70
C GLY A 248 0.84 -2.77 -0.43
N MET A 249 0.75 -1.95 0.63
CA MET A 249 -0.54 -1.40 1.09
C MET A 249 -1.13 -0.47 0.04
N PHE A 250 -0.28 0.42 -0.47
CA PHE A 250 -0.78 1.51 -1.29
C PHE A 250 -0.84 1.19 -2.76
N THR A 251 -0.09 0.20 -3.21
CA THR A 251 -0.31 -0.31 -4.54
C THR A 251 -1.64 -1.08 -4.57
N THR A 252 -1.84 -1.95 -3.58
CA THR A 252 -3.05 -2.82 -3.57
C THR A 252 -4.35 -2.04 -3.44
N LEU A 253 -4.39 -1.07 -2.54
CA LEU A 253 -5.60 -0.27 -2.39
C LEU A 253 -5.89 0.38 -3.73
N GLY A 254 -4.83 0.79 -4.42
CA GLY A 254 -4.98 1.45 -5.72
C GLY A 254 -5.50 0.51 -6.80
N TYR A 255 -5.07 -0.74 -6.74
CA TYR A 255 -5.54 -1.77 -7.67
C TYR A 255 -7.02 -2.09 -7.46
N LEU A 256 -7.46 -2.05 -6.21
CA LEU A 256 -8.87 -2.21 -5.90
C LEU A 256 -9.70 -1.06 -6.49
N ILE A 257 -9.23 0.19 -6.32
CA ILE A 257 -9.89 1.36 -6.94
C ILE A 257 -10.05 1.12 -8.46
N CYS A 258 -8.99 0.55 -9.05
CA CYS A 258 -8.94 0.25 -10.47
C CYS A 258 -9.74 -0.97 -10.95
N GLY A 259 -10.18 -1.85 -10.04
CA GLY A 259 -10.90 -3.05 -10.45
C GLY A 259 -10.02 -4.21 -10.91
N PHE A 260 -8.72 -4.16 -10.61
CA PHE A 260 -7.82 -5.19 -11.09
C PHE A 260 -7.96 -6.48 -10.30
N ARG A 261 -7.40 -7.53 -10.88
CA ARG A 261 -7.23 -8.81 -10.21
C ARG A 261 -5.85 -8.80 -9.58
N VAL A 262 -5.83 -8.89 -8.26
CA VAL A 262 -4.58 -8.89 -7.50
C VAL A 262 -4.23 -10.31 -7.11
N VAL A 263 -3.24 -10.86 -7.85
CA VAL A 263 -2.78 -12.20 -7.60
C VAL A 263 -1.67 -12.12 -6.57
N LEU A 264 -1.85 -12.84 -5.47
CA LEU A 264 -0.90 -12.72 -4.37
C LEU A 264 -0.11 -14.00 -4.06
N MET A 265 1.06 -13.75 -3.49
CA MET A 265 1.93 -14.74 -2.90
C MET A 265 2.39 -14.20 -1.57
N TYR A 266 2.47 -15.04 -0.56
CA TYR A 266 2.93 -14.60 0.76
C TYR A 266 4.38 -15.03 1.06
N ARG A 267 4.97 -15.85 0.18
CA ARG A 267 6.39 -16.29 0.24
C ARG A 267 6.92 -16.50 -1.18
N PHE A 268 8.12 -16.00 -1.46
CA PHE A 268 8.70 -16.12 -2.79
C PHE A 268 9.16 -17.55 -3.11
N GLU A 269 8.85 -17.99 -4.33
CA GLU A 269 9.40 -19.21 -4.92
C GLU A 269 9.55 -18.97 -6.42
N GLU A 270 10.68 -19.38 -7.01
CA GLU A 270 10.96 -19.08 -8.40
C GLU A 270 9.95 -19.68 -9.38
N GLU A 271 9.71 -20.98 -9.33
CA GLU A 271 8.76 -21.59 -10.25
C GLU A 271 7.30 -21.04 -10.06
N LEU A 272 6.79 -21.03 -8.85
CA LEU A 272 5.43 -20.53 -8.59
C LEU A 272 5.28 -19.14 -9.17
N PHE A 273 6.28 -18.30 -8.93
CA PHE A 273 6.23 -16.90 -9.39
C PHE A 273 6.22 -16.81 -10.93
N LEU A 274 7.10 -17.54 -11.62
CA LEU A 274 7.15 -17.44 -13.08
C LEU A 274 5.95 -18.15 -13.68
N ARG A 275 5.53 -19.26 -13.09
CA ARG A 275 4.39 -19.99 -13.61
C ARG A 275 3.11 -19.14 -13.45
N SER A 276 2.99 -18.47 -12.30
CA SER A 276 1.91 -17.52 -12.07
C SER A 276 1.90 -16.37 -13.10
N LEU A 277 3.05 -15.75 -13.36
CA LEU A 277 3.12 -14.73 -14.42
C LEU A 277 2.53 -15.27 -15.72
N GLN A 278 2.90 -16.48 -16.06
CA GLN A 278 2.45 -17.08 -17.31
C GLN A 278 0.96 -17.41 -17.27
N ASP A 279 0.54 -18.12 -16.23
CA ASP A 279 -0.77 -18.77 -16.29
C ASP A 279 -1.93 -17.83 -16.03
N TYR A 280 -1.65 -16.78 -15.25
CA TYR A 280 -2.60 -15.71 -14.94
C TYR A 280 -2.44 -14.56 -15.93
N LYS A 281 -1.55 -14.71 -16.89
CA LYS A 281 -1.31 -13.67 -17.90
C LYS A 281 -1.12 -12.32 -17.23
N ILE A 282 -0.28 -12.31 -16.22
CA ILE A 282 0.02 -11.10 -15.50
C ILE A 282 0.55 -9.99 -16.42
N GLN A 283 0.02 -8.78 -16.23
CA GLN A 283 0.41 -7.61 -16.97
C GLN A 283 1.46 -6.82 -16.22
N SER A 284 1.40 -6.89 -14.90
CA SER A 284 2.32 -6.13 -14.07
C SER A 284 2.76 -6.91 -12.84
N ALA A 285 4.03 -6.83 -12.49
CA ALA A 285 4.60 -7.60 -11.38
C ALA A 285 5.35 -6.68 -10.44
N LEU A 286 5.22 -6.90 -9.12
CA LEU A 286 5.95 -6.09 -8.14
C LEU A 286 7.09 -6.82 -7.46
N LEU A 287 8.23 -6.15 -7.40
CA LEU A 287 9.40 -6.71 -6.75
C LEU A 287 10.03 -5.71 -5.77
N VAL A 288 10.22 -6.18 -4.55
CA VAL A 288 11.16 -5.55 -3.64
C VAL A 288 12.55 -5.70 -4.23
N PRO A 289 13.51 -4.86 -3.80
CA PRO A 289 14.85 -4.78 -4.39
C PRO A 289 15.70 -6.07 -4.38
N THR A 290 15.65 -6.85 -3.31
CA THR A 290 16.40 -8.09 -3.25
C THR A 290 15.90 -9.18 -4.24
N LEU A 291 14.64 -9.08 -4.67
CA LEU A 291 14.09 -9.98 -5.68
C LEU A 291 14.53 -9.58 -7.08
N PHE A 292 14.86 -8.31 -7.29
CA PHE A 292 15.56 -7.90 -8.52
C PHE A 292 16.95 -8.52 -8.67
N SER A 293 17.76 -8.47 -7.62
CA SER A 293 19.05 -9.17 -7.63
C SER A 293 18.82 -10.63 -7.93
N PHE A 294 17.73 -11.19 -7.38
CA PHE A 294 17.44 -12.59 -7.57
C PHE A 294 17.19 -12.90 -9.04
N PHE A 295 16.35 -12.11 -9.70
CA PHE A 295 16.01 -12.39 -11.10
C PHE A 295 17.10 -11.97 -12.08
N ALA A 296 18.10 -11.19 -11.63
CA ALA A 296 19.29 -10.95 -12.44
C ALA A 296 20.09 -12.25 -12.55
N LYS A 297 19.91 -13.17 -11.58
CA LYS A 297 20.65 -14.44 -11.59
C LYS A 297 19.88 -15.57 -12.23
N SER A 298 18.56 -15.41 -12.34
CA SER A 298 17.69 -16.47 -12.82
C SER A 298 17.93 -16.81 -14.28
N THR A 299 17.81 -18.09 -14.63
CA THR A 299 17.85 -18.50 -16.04
C THR A 299 16.53 -19.21 -16.43
N LEU A 300 15.66 -19.40 -15.45
CA LEU A 300 14.43 -20.15 -15.68
C LEU A 300 13.42 -19.32 -16.44
N ILE A 301 13.55 -17.99 -16.36
CA ILE A 301 12.63 -17.06 -17.02
C ILE A 301 12.32 -17.45 -18.47
N ASP A 302 13.36 -17.90 -19.16
CA ASP A 302 13.33 -18.24 -20.59
C ASP A 302 12.34 -19.35 -20.90
N LYS A 303 11.97 -20.14 -19.89
CA LYS A 303 11.15 -21.32 -20.12
C LYS A 303 9.64 -21.04 -20.05
N TYR A 304 9.28 -19.78 -19.79
CA TYR A 304 7.87 -19.44 -19.60
C TYR A 304 7.40 -18.48 -20.69
N ASP A 305 6.14 -18.61 -21.07
CA ASP A 305 5.50 -17.70 -22.01
C ASP A 305 5.02 -16.48 -21.23
N LEU A 306 5.83 -15.41 -21.29
CA LEU A 306 5.55 -14.18 -20.57
C LEU A 306 5.10 -13.04 -21.51
N SER A 307 4.43 -13.39 -22.61
CA SER A 307 4.07 -12.41 -23.64
C SER A 307 2.98 -11.38 -23.22
N ASN A 308 2.23 -11.66 -22.15
CA ASN A 308 1.27 -10.67 -21.64
C ASN A 308 1.86 -9.68 -20.64
N LEU A 309 3.11 -9.90 -20.25
CA LEU A 309 3.76 -9.04 -19.28
C LEU A 309 4.18 -7.74 -19.92
N HIS A 310 3.57 -6.67 -19.44
CA HIS A 310 3.84 -5.31 -19.87
C HIS A 310 4.89 -4.64 -18.97
N GLU A 311 4.88 -4.90 -17.66
CA GLU A 311 5.79 -4.16 -16.81
C GLU A 311 6.24 -4.91 -15.57
N ILE A 312 7.41 -4.50 -15.09
CA ILE A 312 7.86 -4.91 -13.79
C ILE A 312 8.10 -3.64 -13.00
N ALA A 313 7.44 -3.54 -11.83
CA ALA A 313 7.54 -2.37 -10.98
C ALA A 313 8.47 -2.57 -9.79
N SER A 314 9.31 -1.59 -9.52
CA SER A 314 10.26 -1.64 -8.41
C SER A 314 9.98 -0.55 -7.38
N GLY A 315 9.92 -0.95 -6.11
CA GLY A 315 9.72 -0.02 -5.01
C GLY A 315 10.86 0.99 -4.81
N LEU A 319 17.18 0.93 -7.07
CA LEU A 319 17.91 -0.08 -7.87
C LEU A 319 19.22 0.42 -8.45
N SER A 320 20.12 -0.51 -8.75
CA SER A 320 21.32 -0.19 -9.53
C SER A 320 20.99 -0.26 -11.00
N LYS A 321 21.66 0.56 -11.82
CA LYS A 321 21.35 0.62 -13.26
C LYS A 321 21.72 -0.69 -13.96
N GLU A 322 22.69 -1.40 -13.39
CA GLU A 322 23.16 -2.66 -13.95
C GLU A 322 22.09 -3.75 -13.82
N VAL A 323 21.72 -4.08 -12.58
CA VAL A 323 20.69 -5.06 -12.28
C VAL A 323 19.33 -4.80 -12.96
N GLY A 324 18.85 -3.56 -12.93
CA GLY A 324 17.63 -3.20 -13.65
C GLY A 324 17.70 -3.46 -15.15
N GLU A 325 18.85 -3.16 -15.73
CA GLU A 325 19.04 -3.42 -17.15
C GLU A 325 18.99 -4.93 -17.43
N ALA A 326 19.59 -5.73 -16.57
CA ALA A 326 19.66 -7.17 -16.81
C ALA A 326 18.28 -7.82 -16.68
N VAL A 327 17.58 -7.47 -15.61
CA VAL A 327 16.22 -7.92 -15.36
C VAL A 327 15.29 -7.58 -16.54
N ALA A 328 15.30 -6.32 -17.02
CA ALA A 328 14.45 -5.93 -18.15
C ALA A 328 14.71 -6.79 -19.37
N LYS A 329 15.98 -7.09 -19.60
CA LYS A 329 16.38 -7.88 -20.76
C LYS A 329 15.87 -9.31 -20.65
N ARG A 330 16.08 -9.92 -19.48
CA ARG A 330 15.64 -11.29 -19.26
C ARG A 330 14.15 -11.43 -19.50
N PHE A 331 13.39 -10.41 -19.08
CA PHE A 331 11.94 -10.43 -19.21
C PHE A 331 11.42 -9.85 -20.53
N HIS A 332 12.34 -9.39 -21.40
CA HIS A 332 11.97 -8.83 -22.72
C HIS A 332 11.10 -7.55 -22.59
N LEU A 333 11.54 -6.66 -21.70
CA LEU A 333 10.85 -5.41 -21.47
C LEU A 333 11.80 -4.26 -21.83
N PRO A 334 11.25 -3.12 -22.29
CA PRO A 334 12.03 -1.91 -22.63
C PRO A 334 12.81 -1.34 -21.45
N GLY A 335 12.27 -1.50 -20.25
CA GLY A 335 12.95 -1.07 -19.04
C GLY A 335 12.15 -1.44 -17.80
N ILE A 336 12.53 -0.83 -16.66
CA ILE A 336 11.90 -1.10 -15.38
C ILE A 336 11.01 0.09 -15.02
N ARG A 337 9.86 -0.21 -14.45
CA ARG A 337 8.97 0.83 -13.95
C ARG A 337 9.35 1.11 -12.50
N GLN A 338 10.25 2.07 -12.29
CA GLN A 338 10.73 2.38 -10.96
C GLN A 338 9.89 3.44 -10.30
N GLY A 339 9.89 3.37 -8.97
CA GLY A 339 9.23 4.33 -8.12
C GLY A 339 10.11 4.58 -6.93
N TYR A 340 10.01 5.77 -6.36
CA TYR A 340 10.75 6.08 -5.15
C TYR A 340 9.77 6.70 -4.15
N GLY A 341 9.77 6.18 -2.93
CA GLY A 341 8.91 6.71 -1.90
C GLY A 341 9.40 6.21 -0.56
N LEU A 342 8.84 6.76 0.50
CA LEU A 342 9.13 6.31 1.85
C LEU A 342 7.79 6.07 2.55
N THR A 343 7.85 5.37 3.67
CA THR A 343 6.67 5.16 4.46
C THR A 343 6.09 6.55 4.82
N GLU A 344 6.97 7.48 5.15
CA GLU A 344 6.61 8.83 5.53
C GLU A 344 6.01 9.63 4.40
N THR A 345 6.11 9.13 3.16
CA THR A 345 5.45 9.81 2.02
C THR A 345 4.25 9.04 1.46
N THR A 346 3.75 8.10 2.25
CA THR A 346 2.62 7.22 1.89
C THR A 346 2.95 6.20 0.79
N SER A 347 3.19 6.72 -0.41
CA SER A 347 3.55 5.91 -1.57
C SER A 347 4.67 6.59 -2.41
N ALA A 348 4.85 6.18 -3.67
CA ALA A 348 5.90 6.78 -4.48
C ALA A 348 5.55 8.21 -4.83
N ILE A 349 6.55 9.09 -4.64
CA ILE A 349 6.45 10.51 -5.00
C ILE A 349 7.31 10.82 -6.29
N LEU A 350 8.21 9.91 -6.62
CA LEU A 350 8.84 9.90 -7.94
C LEU A 350 8.48 8.59 -8.63
N ILE A 351 8.03 8.68 -9.87
CA ILE A 351 7.58 7.52 -10.60
C ILE A 351 7.90 7.63 -12.09
N THR A 352 8.39 6.53 -12.68
CA THR A 352 8.64 6.41 -14.13
C THR A 352 7.37 6.69 -14.91
N PRO A 353 7.34 7.79 -15.66
CA PRO A 353 6.16 8.06 -16.46
C PRO A 353 5.96 6.97 -17.50
N GLU A 354 4.72 6.55 -17.71
CA GLU A 354 4.43 5.39 -18.55
C GLU A 354 5.03 5.56 -19.93
N GLY A 355 5.90 4.61 -20.30
CA GLY A 355 6.55 4.61 -21.61
C GLY A 355 7.72 5.58 -21.79
N ASP A 356 8.06 6.34 -20.75
CA ASP A 356 9.13 7.35 -20.82
C ASP A 356 10.19 7.07 -19.77
N ASP A 357 10.64 5.82 -19.73
CA ASP A 357 11.65 5.39 -18.76
C ASP A 357 13.09 5.71 -19.21
N LYS A 358 13.95 5.85 -18.21
CA LYS A 358 15.38 6.09 -18.42
C LYS A 358 16.10 5.14 -17.50
N PRO A 359 16.91 4.25 -18.08
CA PRO A 359 17.60 3.30 -17.23
C PRO A 359 18.32 4.01 -16.09
N GLY A 360 18.03 3.58 -14.86
CA GLY A 360 18.69 4.10 -13.69
C GLY A 360 17.97 5.25 -13.00
N ALA A 361 16.95 5.82 -13.66
CA ALA A 361 16.15 6.90 -13.06
C ALA A 361 15.03 6.33 -12.18
N VAL A 362 14.65 7.06 -11.14
CA VAL A 362 13.46 6.70 -10.38
C VAL A 362 12.22 7.41 -10.96
N GLY A 363 12.44 8.27 -11.96
CA GLY A 363 11.35 8.87 -12.72
C GLY A 363 11.04 10.32 -12.39
N LYS A 364 9.77 10.71 -12.50
CA LYS A 364 9.40 12.11 -12.33
C LYS A 364 8.48 12.37 -11.14
N VAL A 365 8.42 13.64 -10.73
CA VAL A 365 7.58 14.06 -9.61
C VAL A 365 6.12 13.82 -9.96
N VAL A 366 5.44 13.06 -9.11
CA VAL A 366 4.01 12.80 -9.32
C VAL A 366 3.16 14.06 -9.16
N PRO A 367 1.97 14.08 -9.78
CA PRO A 367 1.03 15.18 -9.58
C PRO A 367 0.81 15.56 -8.09
N PHE A 368 0.56 16.85 -7.85
CA PHE A 368 0.41 17.44 -6.51
C PHE A 368 1.71 17.59 -5.72
N PHE A 369 2.80 17.00 -6.20
CA PHE A 369 3.98 17.03 -5.39
C PHE A 369 5.00 18.03 -5.93
N GLU A 370 6.01 18.28 -5.13
CA GLU A 370 7.18 18.91 -5.67
C GLU A 370 8.41 18.35 -5.05
N ALA A 371 9.53 18.51 -5.76
CA ALA A 371 10.79 17.94 -5.28
C ALA A 371 11.92 18.89 -5.61
N LYS A 372 12.92 18.95 -4.75
CA LYS A 372 14.12 19.70 -5.02
C LYS A 372 15.31 18.91 -4.47
N VAL A 373 16.53 19.26 -4.87
CA VAL A 373 17.71 18.77 -4.18
C VAL A 373 18.49 19.96 -3.64
N VAL A 374 19.00 19.80 -2.43
CA VAL A 374 19.61 20.89 -1.71
C VAL A 374 21.08 20.56 -1.37
N ASP A 375 21.91 21.59 -1.43
CA ASP A 375 23.30 21.48 -1.04
C ASP A 375 23.44 20.97 0.39
N LEU A 376 24.31 20.00 0.58
CA LEU A 376 24.32 19.18 1.79
C LEU A 376 24.56 19.94 3.08
N ASP A 377 25.72 20.59 3.16
CA ASP A 377 26.11 21.33 4.36
C ASP A 377 25.34 22.66 4.52
N THR A 378 24.83 23.18 3.40
CA THR A 378 24.07 24.43 3.38
C THR A 378 22.55 24.28 3.60
N GLY A 379 21.86 23.82 2.56
CA GLY A 379 20.41 23.84 2.51
C GLY A 379 19.96 24.58 1.25
N LYS A 380 20.92 24.98 0.42
CA LYS A 380 20.57 25.74 -0.77
C LYS A 380 20.04 24.84 -1.86
N THR A 381 19.00 25.31 -2.53
CA THR A 381 18.38 24.58 -3.63
C THR A 381 19.40 24.49 -4.76
N LEU A 382 19.32 23.43 -5.59
CA LEU A 382 20.34 23.25 -6.65
C LEU A 382 19.70 23.11 -8.02
N GLY A 383 20.51 23.32 -9.06
CA GLY A 383 20.07 23.19 -10.46
C GLY A 383 20.24 21.81 -11.11
N VAL A 384 20.04 21.74 -12.42
CA VAL A 384 20.06 20.48 -13.14
C VAL A 384 21.42 19.81 -13.00
N ASN A 385 21.39 18.48 -13.01
CA ASN A 385 22.58 17.64 -12.97
C ASN A 385 23.48 17.92 -11.78
N GLN A 386 22.91 18.44 -10.69
CA GLN A 386 23.68 18.67 -9.47
C GLN A 386 23.17 17.81 -8.31
N ARG A 387 24.11 17.31 -7.52
CA ARG A 387 23.83 16.33 -6.49
C ARG A 387 23.65 16.97 -5.15
N GLY A 388 22.60 16.55 -4.44
CA GLY A 388 22.33 16.99 -3.08
C GLY A 388 21.25 16.13 -2.41
N GLU A 389 20.76 16.54 -1.26
CA GLU A 389 19.74 15.77 -0.56
C GLU A 389 18.36 16.02 -1.16
N LEU A 390 17.72 14.95 -1.61
CA LEU A 390 16.34 15.05 -2.11
C LEU A 390 15.39 15.48 -0.98
N CYS A 391 14.52 16.44 -1.30
CA CYS A 391 13.52 16.94 -0.37
C CYS A 391 12.24 17.01 -1.17
N VAL A 392 11.13 16.65 -0.54
CA VAL A 392 9.86 16.58 -1.26
C VAL A 392 8.74 17.21 -0.42
N ARG A 393 7.76 17.74 -1.13
CA ARG A 393 6.67 18.45 -0.50
C ARG A 393 5.38 18.14 -1.23
N GLY A 394 4.37 17.68 -0.49
CA GLY A 394 3.08 17.36 -1.08
C GLY A 394 2.10 16.78 -0.11
N PRO A 395 0.85 16.59 -0.55
CA PRO A 395 -0.24 16.16 0.36
C PRO A 395 -0.30 14.65 0.69
N MET A 396 0.73 13.89 0.31
CA MET A 396 0.86 12.50 0.76
C MET A 396 1.84 12.34 1.92
N ILE A 397 2.47 13.44 2.33
CA ILE A 397 3.41 13.40 3.45
C ILE A 397 2.65 13.07 4.73
N MET A 398 3.21 12.24 5.60
CA MET A 398 2.56 11.91 6.85
C MET A 398 2.22 13.16 7.66
N SER A 399 1.15 13.07 8.46
CA SER A 399 0.84 14.14 9.39
C SER A 399 1.90 14.14 10.51
N GLY A 400 2.52 12.99 10.77
CA GLY A 400 3.61 12.92 11.73
C GLY A 400 3.80 11.53 12.28
N TYR A 401 4.96 11.31 12.89
CA TYR A 401 5.20 10.13 13.70
C TYR A 401 4.31 10.18 14.96
N VAL A 402 3.72 9.05 15.33
CA VAL A 402 2.79 9.02 16.44
C VAL A 402 3.49 9.29 17.78
N ASN A 403 2.91 10.22 18.53
CA ASN A 403 3.45 10.67 19.82
C ASN A 403 4.97 10.89 19.83
N ASN A 404 5.47 11.51 18.77
CA ASN A 404 6.90 11.73 18.66
C ASN A 404 7.20 12.94 17.81
N PRO A 405 6.82 14.13 18.30
CA PRO A 405 7.09 15.41 17.61
C PRO A 405 8.60 15.73 17.36
N GLU A 406 9.52 15.37 18.23
CA GLU A 406 10.92 15.69 17.97
C GLU A 406 11.40 15.00 16.69
N ALA A 407 11.16 13.69 16.61
CA ALA A 407 11.49 12.93 15.40
C ALA A 407 10.82 13.50 14.14
N THR A 408 9.55 13.88 14.26
CA THR A 408 8.82 14.50 13.14
C THR A 408 9.47 15.83 12.70
N ASN A 409 9.88 16.64 13.68
CA ASN A 409 10.41 17.97 13.37
C ASN A 409 11.83 17.89 12.84
N ALA A 410 12.51 16.77 13.14
CA ALA A 410 13.84 16.52 12.60
C ALA A 410 13.80 16.08 11.13
N LEU A 411 12.64 15.65 10.65
CA LEU A 411 12.52 15.11 9.31
C LEU A 411 11.86 16.13 8.39
N ILE A 412 10.84 16.80 8.89
CA ILE A 412 10.03 17.69 8.07
C ILE A 412 10.24 19.11 8.56
N ASP A 413 10.61 20.03 7.67
CA ASP A 413 10.95 21.37 8.15
C ASP A 413 9.69 22.26 8.24
N LYS A 414 9.87 23.41 8.91
CA LYS A 414 8.81 24.41 9.14
C LYS A 414 8.07 24.78 7.86
N ASP A 415 8.67 24.48 6.70
CA ASP A 415 8.05 24.80 5.42
C ASP A 415 7.30 23.62 4.78
N GLY A 416 7.22 22.49 5.48
CA GLY A 416 6.61 21.31 4.93
C GLY A 416 7.49 20.43 4.04
N TRP A 417 8.75 20.81 3.86
CA TRP A 417 9.68 19.98 3.11
C TRP A 417 10.14 18.79 3.93
N LEU A 418 9.92 17.58 3.40
CA LEU A 418 10.47 16.37 4.01
C LEU A 418 11.86 16.06 3.47
N HIS A 419 12.83 15.92 4.38
CA HIS A 419 14.20 15.67 3.99
C HIS A 419 14.50 14.18 3.96
N SER A 420 14.68 13.64 2.76
CA SER A 420 14.68 12.20 2.55
C SER A 420 15.89 11.49 3.06
N GLY A 421 17.01 12.20 3.17
CA GLY A 421 18.26 11.55 3.57
C GLY A 421 19.01 10.93 2.40
N ASP A 422 18.38 10.86 1.25
CA ASP A 422 19.02 10.30 0.08
C ASP A 422 19.61 11.39 -0.81
N ILE A 423 20.69 11.05 -1.52
CA ILE A 423 21.31 12.00 -2.45
C ILE A 423 20.80 11.72 -3.86
N ALA A 424 20.47 12.78 -4.58
CA ALA A 424 19.86 12.66 -5.91
C ALA A 424 20.24 13.83 -6.81
N TYR A 425 19.84 13.74 -8.08
CA TYR A 425 19.93 14.87 -8.99
C TYR A 425 18.85 14.66 -10.00
N TRP A 426 18.45 15.73 -10.66
CA TRP A 426 17.42 15.63 -11.69
C TRP A 426 18.01 16.17 -12.99
N ASP A 427 17.50 15.67 -14.10
CA ASP A 427 18.09 15.96 -15.41
C ASP A 427 17.22 16.92 -16.21
N GLU A 428 17.66 17.23 -17.43
CA GLU A 428 17.05 18.26 -18.26
C GLU A 428 15.62 17.88 -18.67
N ASP A 429 15.30 16.59 -18.60
CA ASP A 429 13.94 16.15 -18.86
C ASP A 429 13.10 16.11 -17.56
N GLU A 430 13.72 16.51 -16.45
CA GLU A 430 13.13 16.44 -15.11
C GLU A 430 13.02 15.02 -14.52
N HIS A 431 13.82 14.09 -15.04
CA HIS A 431 13.96 12.77 -14.42
C HIS A 431 14.89 12.81 -13.23
N PHE A 432 14.51 12.16 -12.14
CA PHE A 432 15.37 12.05 -10.97
C PHE A 432 16.22 10.76 -10.98
N PHE A 433 17.41 10.86 -10.42
CA PHE A 433 18.33 9.72 -10.26
C PHE A 433 18.78 9.71 -8.81
N ILE A 434 18.64 8.57 -8.13
CA ILE A 434 19.14 8.45 -6.77
C ILE A 434 20.55 7.92 -6.81
N VAL A 435 21.48 8.58 -6.10
CA VAL A 435 22.88 8.19 -6.16
C VAL A 435 23.40 7.54 -4.88
F16 0NJ B . 9.15 2.19 -1.61
C11 0NJ B . 8.14 2.54 -0.81
C12 0NJ B . 8.31 2.59 0.57
C13 0NJ B . 7.25 2.93 1.40
C14 0NJ B . 6.03 3.23 0.83
C15 0NJ B . 5.85 3.20 -0.55
C10 0NJ B . 6.92 2.86 -1.37
C8 0NJ B . 6.70 2.76 -2.84
S7 0NJ B . 7.84 2.47 -4.10
C2 0NJ B . 6.67 2.44 -5.39
N9 0NJ B . 5.47 2.76 -3.39
C3 0NJ B . 5.41 2.63 -4.79
C4 0NJ B . 4.21 2.66 -5.55
C5 0NJ B . 4.26 2.48 -6.93
C6 0NJ B . 5.49 2.28 -7.55
C1 0NJ B . 6.68 2.25 -6.79
O17 0NJ B . 5.53 2.12 -8.93
C18 0NJ B . 6.59 1.48 -9.54
#